data_1BH0
# 
_entry.id   1BH0 
# 
_audit_conform.dict_name       mmcif_pdbx.dic 
_audit_conform.dict_version    5.385 
_audit_conform.dict_location   http://mmcif.pdb.org/dictionaries/ascii/mmcif_pdbx.dic 
# 
loop_
_database_2.database_id 
_database_2.database_code 
_database_2.pdbx_database_accession 
_database_2.pdbx_DOI 
PDB   1BH0         pdb_00001bh0 10.2210/pdb1bh0/pdb 
WWPDB D_1000171746 ?            ?                   
# 
loop_
_pdbx_audit_revision_history.ordinal 
_pdbx_audit_revision_history.data_content_type 
_pdbx_audit_revision_history.major_revision 
_pdbx_audit_revision_history.minor_revision 
_pdbx_audit_revision_history.revision_date 
1 'Structure model' 1 0 1998-11-04 
2 'Structure model' 1 1 2008-03-24 
3 'Structure model' 1 2 2011-07-13 
4 'Structure model' 1 3 2018-04-18 
5 'Structure model' 1 4 2021-02-03 
6 'Structure model' 1 5 2021-11-03 
7 'Structure model' 1 6 2024-02-07 
# 
_pdbx_audit_revision_details.ordinal             1 
_pdbx_audit_revision_details.revision_ordinal    1 
_pdbx_audit_revision_details.data_content_type   'Structure model' 
_pdbx_audit_revision_details.provider            repository 
_pdbx_audit_revision_details.type                'Initial release' 
_pdbx_audit_revision_details.description         ? 
_pdbx_audit_revision_details.details             ? 
# 
loop_
_pdbx_audit_revision_group.ordinal 
_pdbx_audit_revision_group.revision_ordinal 
_pdbx_audit_revision_group.data_content_type 
_pdbx_audit_revision_group.group 
1 2 'Structure model' 'Version format compliance' 
2 3 'Structure model' 'Version format compliance' 
3 4 'Structure model' 'Data collection'           
4 4 'Structure model' Other                       
5 5 'Structure model' 'Database references'       
6 5 'Structure model' 'Structure summary'         
7 6 'Structure model' 'Database references'       
8 7 'Structure model' 'Data collection'           
# 
loop_
_pdbx_audit_revision_category.ordinal 
_pdbx_audit_revision_category.revision_ordinal 
_pdbx_audit_revision_category.data_content_type 
_pdbx_audit_revision_category.category 
1 4 'Structure model' diffrn_detector      
2 4 'Structure model' pdbx_database_status 
3 5 'Structure model' audit_author         
4 5 'Structure model' citation_author      
5 6 'Structure model' database_2           
6 6 'Structure model' struct_ref_seq_dif   
7 7 'Structure model' chem_comp_atom       
8 7 'Structure model' chem_comp_bond       
# 
loop_
_pdbx_audit_revision_item.ordinal 
_pdbx_audit_revision_item.revision_ordinal 
_pdbx_audit_revision_item.data_content_type 
_pdbx_audit_revision_item.item 
1 4 'Structure model' '_diffrn_detector.detector'           
2 4 'Structure model' '_pdbx_database_status.process_site'  
3 5 'Structure model' '_audit_author.identifier_ORCID'      
4 5 'Structure model' '_citation_author.identifier_ORCID'   
5 6 'Structure model' '_database_2.pdbx_DOI'                
6 6 'Structure model' '_database_2.pdbx_database_accession' 
7 6 'Structure model' '_struct_ref_seq_dif.details'         
# 
_pdbx_database_status.status_code                     REL 
_pdbx_database_status.entry_id                        1BH0 
_pdbx_database_status.recvd_initial_deposition_date   1998-06-11 
_pdbx_database_status.deposit_site                    ? 
_pdbx_database_status.process_site                    BNL 
_pdbx_database_status.SG_entry                        . 
_pdbx_database_status.pdb_format_compatible           Y 
_pdbx_database_status.status_code_mr                  ? 
_pdbx_database_status.status_code_sf                  ? 
_pdbx_database_status.status_code_cs                  ? 
_pdbx_database_status.methods_development_category    ? 
_pdbx_database_status.status_code_nmr_data            ? 
# 
loop_
_audit_author.name 
_audit_author.pdbx_ordinal 
_audit_author.identifier_ORCID 
'Sturm, N.S.'       1 ?                   
'Lin, Y.'           2 ?                   
'Burley, S.K.'      3 0000-0002-2487-9713 
'Krstenansky, J.L.' 4 ?                   
'Ahn, J.-M.'        5 ?                   
'Azizeh, B.Y.'      6 ?                   
'Trivedi, D.'       7 ?                   
'Hruby, V.J.'       8 ?                   
# 
_citation.id                        primary 
_citation.title                     
;Structure-function studies on positions 17, 18, and 21 replacement analogues of glucagon: the importance of charged residues and salt bridges in glucagon biological activity.
;
_citation.journal_abbrev            J.Med.Chem. 
_citation.journal_volume            41 
_citation.page_first                2693 
_citation.page_last                 2700 
_citation.year                      1998 
_citation.journal_id_ASTM           JMCMAR 
_citation.country                   US 
_citation.journal_id_ISSN           0022-2623 
_citation.journal_id_CSD            0151 
_citation.book_publisher            ? 
_citation.pdbx_database_id_PubMed   9667960 
_citation.pdbx_database_id_DOI      10.1021/jm980084a 
# 
loop_
_citation_author.citation_id 
_citation_author.name 
_citation_author.ordinal 
_citation_author.identifier_ORCID 
primary 'Sturm, N.S.'       1 ?                   
primary 'Lin, Y.'           2 ?                   
primary 'Burley, S.K.'      3 0000-0002-2487-9713 
primary 'Krstenansky, J.L.' 4 ?                   
primary 'Ahn, J.M.'         5 ?                   
primary 'Azizeh, B.Y.'      6 ?                   
primary 'Trivedi, D.'       7 ?                   
primary 'Hruby, V.J.'       8 ?                   
# 
_entity.id                         1 
_entity.type                       polymer 
_entity.src_method                 syn 
_entity.pdbx_description           GLUCAGON 
_entity.formula_weight             3444.780 
_entity.pdbx_number_of_molecules   1 
_entity.pdbx_ec                    ? 
_entity.pdbx_mutation              'R17K, R18K, D21E' 
_entity.pdbx_fragment              ? 
_entity.details                    ? 
# 
_entity_poly.entity_id                      1 
_entity_poly.type                           'polypeptide(L)' 
_entity_poly.nstd_linkage                   no 
_entity_poly.nstd_monomer                   no 
_entity_poly.pdbx_seq_one_letter_code       HSQGTFTSDYSKYLDSKKAQEFVQWLMNT 
_entity_poly.pdbx_seq_one_letter_code_can   HSQGTFTSDYSKYLDSKKAQEFVQWLMNT 
_entity_poly.pdbx_strand_id                 A 
_entity_poly.pdbx_target_identifier         ? 
# 
loop_
_entity_poly_seq.entity_id 
_entity_poly_seq.num 
_entity_poly_seq.mon_id 
_entity_poly_seq.hetero 
1 1  HIS n 
1 2  SER n 
1 3  GLN n 
1 4  GLY n 
1 5  THR n 
1 6  PHE n 
1 7  THR n 
1 8  SER n 
1 9  ASP n 
1 10 TYR n 
1 11 SER n 
1 12 LYS n 
1 13 TYR n 
1 14 LEU n 
1 15 ASP n 
1 16 SER n 
1 17 LYS n 
1 18 LYS n 
1 19 ALA n 
1 20 GLN n 
1 21 GLU n 
1 22 PHE n 
1 23 VAL n 
1 24 GLN n 
1 25 TRP n 
1 26 LEU n 
1 27 MET n 
1 28 ASN n 
1 29 THR n 
# 
_pdbx_entity_src_syn.entity_id              1 
_pdbx_entity_src_syn.pdbx_src_id            1 
_pdbx_entity_src_syn.pdbx_alt_source_flag   sample 
_pdbx_entity_src_syn.pdbx_beg_seq_num       ? 
_pdbx_entity_src_syn.pdbx_end_seq_num       ? 
_pdbx_entity_src_syn.organism_scientific    ? 
_pdbx_entity_src_syn.organism_common_name   ? 
_pdbx_entity_src_syn.ncbi_taxonomy_id       ? 
_pdbx_entity_src_syn.details                'SOLID PHASE PEPTIDE SYNTHESIS' 
# 
loop_
_chem_comp.id 
_chem_comp.type 
_chem_comp.mon_nstd_flag 
_chem_comp.name 
_chem_comp.pdbx_synonyms 
_chem_comp.formula 
_chem_comp.formula_weight 
ALA 'L-peptide linking' y ALANINE         ? 'C3 H7 N O2'     89.093  
ARG 'L-peptide linking' y ARGININE        ? 'C6 H15 N4 O2 1' 175.209 
ASN 'L-peptide linking' y ASPARAGINE      ? 'C4 H8 N2 O3'    132.118 
ASP 'L-peptide linking' y 'ASPARTIC ACID' ? 'C4 H7 N O4'     133.103 
GLN 'L-peptide linking' y GLUTAMINE       ? 'C5 H10 N2 O3'   146.144 
GLU 'L-peptide linking' y 'GLUTAMIC ACID' ? 'C5 H9 N O4'     147.129 
GLY 'peptide linking'   y GLYCINE         ? 'C2 H5 N O2'     75.067  
HIS 'L-peptide linking' y HISTIDINE       ? 'C6 H10 N3 O2 1' 156.162 
LEU 'L-peptide linking' y LEUCINE         ? 'C6 H13 N O2'    131.173 
LYS 'L-peptide linking' y LYSINE          ? 'C6 H15 N2 O2 1' 147.195 
MET 'L-peptide linking' y METHIONINE      ? 'C5 H11 N O2 S'  149.211 
PHE 'L-peptide linking' y PHENYLALANINE   ? 'C9 H11 N O2'    165.189 
SER 'L-peptide linking' y SERINE          ? 'C3 H7 N O3'     105.093 
THR 'L-peptide linking' y THREONINE       ? 'C4 H9 N O3'     119.119 
TRP 'L-peptide linking' y TRYPTOPHAN      ? 'C11 H12 N2 O2'  204.225 
TYR 'L-peptide linking' y TYROSINE        ? 'C9 H11 N O3'    181.189 
VAL 'L-peptide linking' y VALINE          ? 'C5 H11 N O2'    117.146 
# 
loop_
_pdbx_poly_seq_scheme.asym_id 
_pdbx_poly_seq_scheme.entity_id 
_pdbx_poly_seq_scheme.seq_id 
_pdbx_poly_seq_scheme.mon_id 
_pdbx_poly_seq_scheme.ndb_seq_num 
_pdbx_poly_seq_scheme.pdb_seq_num 
_pdbx_poly_seq_scheme.auth_seq_num 
_pdbx_poly_seq_scheme.pdb_mon_id 
_pdbx_poly_seq_scheme.auth_mon_id 
_pdbx_poly_seq_scheme.pdb_strand_id 
_pdbx_poly_seq_scheme.pdb_ins_code 
_pdbx_poly_seq_scheme.hetero 
A 1 1  HIS 1  1  1  HIS HIS A . n 
A 1 2  SER 2  2  2  SER SER A . n 
A 1 3  GLN 3  3  3  GLN GLN A . n 
A 1 4  GLY 4  4  4  GLY GLY A . n 
A 1 5  THR 5  5  5  THR THR A . n 
A 1 6  PHE 6  6  6  PHE PHE A . n 
A 1 7  THR 7  7  7  THR THR A . n 
A 1 8  SER 8  8  8  SER SER A . n 
A 1 9  ASP 9  9  9  ASP ASP A . n 
A 1 10 TYR 10 10 10 TYR TYR A . n 
A 1 11 SER 11 11 11 SER SER A . n 
A 1 12 LYS 12 12 12 LYS LYS A . n 
A 1 13 TYR 13 13 13 TYR TYR A . n 
A 1 14 LEU 14 14 14 LEU LEU A . n 
A 1 15 ASP 15 15 15 ASP ASP A . n 
A 1 16 SER 16 16 16 SER SER A . n 
A 1 17 LYS 17 17 17 LYS LYS A . n 
A 1 18 LYS 18 18 18 LYS LYS A . n 
A 1 19 ALA 19 19 19 ALA ALA A . n 
A 1 20 GLN 20 20 20 GLN GLN A . n 
A 1 21 GLU 21 21 21 GLU GLU A . n 
A 1 22 PHE 22 22 22 PHE PHE A . n 
A 1 23 VAL 23 23 23 VAL VAL A . n 
A 1 24 GLN 24 24 24 GLN GLN A . n 
A 1 25 TRP 25 25 25 TRP TRP A . n 
A 1 26 LEU 26 26 26 LEU LEU A . n 
A 1 27 MET 27 27 27 MET MET A . n 
A 1 28 ASN 28 28 28 ASN ASN A . n 
A 1 29 THR 29 29 29 THR THR A . n 
# 
loop_
_software.name 
_software.classification 
_software.version 
_software.citation_id 
_software.pdbx_ordinal 
X-PLOR 'model building' 3.1 ? 1 
X-PLOR refinement       3.1 ? 2 
X-PLOR phasing          3.1 ? 3 
# 
_cell.entry_id           1BH0 
_cell.length_a           47.900 
_cell.length_b           47.900 
_cell.length_c           47.900 
_cell.angle_alpha        90.00 
_cell.angle_beta         90.00 
_cell.angle_gamma        90.00 
_cell.Z_PDB              12 
_cell.pdbx_unique_axis   ? 
# 
_symmetry.entry_id                         1BH0 
_symmetry.space_group_name_H-M             'P 21 3' 
_symmetry.pdbx_full_space_group_name_H-M   ? 
_symmetry.cell_setting                     ? 
_symmetry.Int_Tables_number                198 
# 
_exptl.entry_id          1BH0 
_exptl.method            'X-RAY DIFFRACTION' 
_exptl.crystals_number   1 
# 
_exptl_crystal.id                    1 
_exptl_crystal.density_meas          ? 
_exptl_crystal.density_Matthews      2.66 
_exptl_crystal.density_percent_sol   53.74 
_exptl_crystal.description           ? 
# 
_exptl_crystal_grow.crystal_id      1 
_exptl_crystal_grow.method          'slow cooling of saturated soln' 
_exptl_crystal_grow.temp            ? 
_exptl_crystal_grow.temp_details    ? 
_exptl_crystal_grow.pH              ? 
_exptl_crystal_grow.pdbx_pH_range   ? 
_exptl_crystal_grow.pdbx_details    'SLOW COOLING OF HEATED SUPERSATURATED SOLUTION, slow cooling of saturated soln' 
# 
_diffrn.id                     1 
_diffrn.ambient_temp           287 
_diffrn.ambient_temp_details   ? 
_diffrn.crystal_id             1 
# 
_diffrn_detector.diffrn_id              1 
_diffrn_detector.detector               DIFFRACTOMETER 
_diffrn_detector.type                   'ENRAF-NONIUS FAST' 
_diffrn_detector.pdbx_collection_date   1985-06 
_diffrn_detector.details                ? 
# 
_diffrn_radiation.diffrn_id                        1 
_diffrn_radiation.wavelength_id                    1 
_diffrn_radiation.pdbx_monochromatic_or_laue_m_l   M 
_diffrn_radiation.monochromator                    MONOCHROMATOR 
_diffrn_radiation.pdbx_diffrn_protocol             ? 
_diffrn_radiation.pdbx_scattering_type             x-ray 
# 
_diffrn_radiation_wavelength.id           1 
_diffrn_radiation_wavelength.wavelength   1.5418 
_diffrn_radiation_wavelength.wt           1.0 
# 
_diffrn_source.diffrn_id                   1 
_diffrn_source.source                      ? 
_diffrn_source.type                        ENRAF-NONIUS 
_diffrn_source.pdbx_synchrotron_site       ? 
_diffrn_source.pdbx_synchrotron_beamline   ? 
_diffrn_source.pdbx_wavelength             1.5418 
_diffrn_source.pdbx_wavelength_list        ? 
# 
_reflns.entry_id                     1BH0 
_reflns.observed_criterion_sigma_I   2 
_reflns.observed_criterion_sigma_F   ? 
_reflns.d_resolution_low             ? 
_reflns.d_resolution_high            3.0 
_reflns.number_obs                   ? 
_reflns.number_all                   ? 
_reflns.percent_possible_obs         ? 
_reflns.pdbx_Rmerge_I_obs            ? 
_reflns.pdbx_Rsym_value              ? 
_reflns.pdbx_netI_over_sigmaI        ? 
_reflns.B_iso_Wilson_estimate        ? 
_reflns.pdbx_redundancy              1.0 
_reflns.pdbx_diffrn_id               1 
_reflns.pdbx_ordinal                 1 
# 
_refine.entry_id                                 1BH0 
_refine.ls_number_reflns_obs                     ? 
_refine.ls_number_reflns_all                     ? 
_refine.pdbx_ls_sigma_I                          ? 
_refine.pdbx_ls_sigma_F                          2.0 
_refine.pdbx_data_cutoff_high_absF               ? 
_refine.pdbx_data_cutoff_low_absF                ? 
_refine.pdbx_data_cutoff_high_rms_absF           ? 
_refine.ls_d_res_low                             6.0 
_refine.ls_d_res_high                            3.0 
_refine.ls_percent_reflns_obs                    ? 
_refine.ls_R_factor_obs                          ? 
_refine.ls_R_factor_all                          ? 
_refine.ls_R_factor_R_work                       ? 
_refine.ls_R_factor_R_free                       ? 
_refine.ls_R_factor_R_free_error                 ? 
_refine.ls_R_factor_R_free_error_details         ? 
_refine.ls_percent_reflns_R_free                 ? 
_refine.ls_number_reflns_R_free                  ? 
_refine.ls_number_parameters                     ? 
_refine.ls_number_restraints                     ? 
_refine.occupancy_min                            ? 
_refine.occupancy_max                            ? 
_refine.B_iso_mean                               ? 
_refine.aniso_B[1][1]                            ? 
_refine.aniso_B[2][2]                            ? 
_refine.aniso_B[3][3]                            ? 
_refine.aniso_B[1][2]                            ? 
_refine.aniso_B[1][3]                            ? 
_refine.aniso_B[2][3]                            ? 
_refine.solvent_model_details                    ? 
_refine.solvent_model_param_ksol                 ? 
_refine.solvent_model_param_bsol                 ? 
_refine.pdbx_ls_cross_valid_method               ? 
_refine.details                                  ? 
_refine.pdbx_starting_model                      ? 
_refine.pdbx_method_to_determine_struct          'ISOMORPHOUS TO EXISTING NATIVE GLUCAGON STRUCTURE' 
_refine.pdbx_isotropic_thermal_model             ? 
_refine.pdbx_stereochemistry_target_values       ? 
_refine.pdbx_stereochem_target_val_spec_case     ? 
_refine.pdbx_R_Free_selection_details            ? 
_refine.pdbx_overall_ESU_R                       ? 
_refine.pdbx_overall_ESU_R_Free                  ? 
_refine.overall_SU_ML                            ? 
_refine.overall_SU_B                             ? 
_refine.pdbx_refine_id                           'X-RAY DIFFRACTION' 
_refine.pdbx_diffrn_id                           1 
_refine.pdbx_TLS_residual_ADP_flag               ? 
_refine.correlation_coeff_Fo_to_Fc               ? 
_refine.correlation_coeff_Fo_to_Fc_free          ? 
_refine.pdbx_solvent_vdw_probe_radii             ? 
_refine.pdbx_solvent_ion_probe_radii             ? 
_refine.pdbx_solvent_shrinkage_radii             ? 
_refine.pdbx_overall_phase_error                 ? 
_refine.overall_SU_R_Cruickshank_DPI             ? 
_refine.pdbx_overall_SU_R_free_Cruickshank_DPI   ? 
_refine.pdbx_overall_SU_R_Blow_DPI               ? 
_refine.pdbx_overall_SU_R_free_Blow_DPI          ? 
# 
_refine_hist.pdbx_refine_id                   'X-RAY DIFFRACTION' 
_refine_hist.cycle_id                         LAST 
_refine_hist.pdbx_number_atoms_protein        242 
_refine_hist.pdbx_number_atoms_nucleic_acid   0 
_refine_hist.pdbx_number_atoms_ligand         0 
_refine_hist.number_atoms_solvent             0 
_refine_hist.number_atoms_total               242 
_refine_hist.d_res_high                       3.0 
_refine_hist.d_res_low                        6.0 
# 
_struct.entry_id                  1BH0 
_struct.title                     'STRUCTURE OF A GLUCAGON ANALOG' 
_struct.pdbx_model_details        ? 
_struct.pdbx_CASP_flag            ? 
_struct.pdbx_model_type_details   ? 
# 
_struct_keywords.entry_id        1BH0 
_struct_keywords.pdbx_keywords   'SYNTHETIC HORMONE' 
_struct_keywords.text            'SYNTHETIC HORMONE' 
# 
_struct_asym.id                            A 
_struct_asym.pdbx_blank_PDB_chainid_flag   N 
_struct_asym.pdbx_modified                 N 
_struct_asym.entity_id                     1 
_struct_asym.details                       ? 
# 
_struct_ref.id                         1 
_struct_ref.db_name                    UNP 
_struct_ref.db_code                    GLUC_HUMAN 
_struct_ref.entity_id                  1 
_struct_ref.pdbx_db_accession          P01275 
_struct_ref.pdbx_align_begin           1 
_struct_ref.pdbx_seq_one_letter_code   
;MKSIYFVAGLFVMLVQGSWQRSLQDTEEKSRSFSASQADPLSDPDQMNEDKRHSQGTFTSDYSKYLDSRRAQDFVQWLMN
TKRNRNNIAKRHDEFERHAEGTFTSDVSSYLEGQAAKEFIAWLVKGRGRRDFPEEVAIVEELGRRHADGSFSDEMNTILD
NLAARDFINWLIQTKITDRK
;
_struct_ref.pdbx_db_isoform            ? 
# 
_struct_ref_seq.align_id                      1 
_struct_ref_seq.ref_id                        1 
_struct_ref_seq.pdbx_PDB_id_code              1BH0 
_struct_ref_seq.pdbx_strand_id                A 
_struct_ref_seq.seq_align_beg                 1 
_struct_ref_seq.pdbx_seq_align_beg_ins_code   ? 
_struct_ref_seq.seq_align_end                 29 
_struct_ref_seq.pdbx_seq_align_end_ins_code   ? 
_struct_ref_seq.pdbx_db_accession             P01275 
_struct_ref_seq.db_align_beg                  53 
_struct_ref_seq.pdbx_db_align_beg_ins_code    ? 
_struct_ref_seq.db_align_end                  81 
_struct_ref_seq.pdbx_db_align_end_ins_code    ? 
_struct_ref_seq.pdbx_auth_seq_align_beg       1 
_struct_ref_seq.pdbx_auth_seq_align_end       29 
# 
loop_
_struct_ref_seq_dif.align_id 
_struct_ref_seq_dif.pdbx_pdb_id_code 
_struct_ref_seq_dif.mon_id 
_struct_ref_seq_dif.pdbx_pdb_strand_id 
_struct_ref_seq_dif.seq_num 
_struct_ref_seq_dif.pdbx_pdb_ins_code 
_struct_ref_seq_dif.pdbx_seq_db_name 
_struct_ref_seq_dif.pdbx_seq_db_accession_code 
_struct_ref_seq_dif.db_mon_id 
_struct_ref_seq_dif.pdbx_seq_db_seq_num 
_struct_ref_seq_dif.details 
_struct_ref_seq_dif.pdbx_auth_seq_num 
_struct_ref_seq_dif.pdbx_ordinal 
1 1BH0 LYS A 17 ? UNP P01275 ARG 69 'engineered mutation' 17 1 
1 1BH0 LYS A 18 ? UNP P01275 ARG 70 'engineered mutation' 18 2 
1 1BH0 GLU A 21 ? UNP P01275 ASP 73 'engineered mutation' 21 3 
# 
_pdbx_struct_assembly.id                   1 
_pdbx_struct_assembly.details              author_defined_assembly 
_pdbx_struct_assembly.method_details       ? 
_pdbx_struct_assembly.oligomeric_details   trimeric 
_pdbx_struct_assembly.oligomeric_count     3 
# 
_pdbx_struct_assembly_gen.assembly_id       1 
_pdbx_struct_assembly_gen.oper_expression   1,2,3 
_pdbx_struct_assembly_gen.asym_id_list      A 
# 
loop_
_pdbx_struct_oper_list.id 
_pdbx_struct_oper_list.type 
_pdbx_struct_oper_list.name 
_pdbx_struct_oper_list.symmetry_operation 
_pdbx_struct_oper_list.matrix[1][1] 
_pdbx_struct_oper_list.matrix[1][2] 
_pdbx_struct_oper_list.matrix[1][3] 
_pdbx_struct_oper_list.vector[1] 
_pdbx_struct_oper_list.matrix[2][1] 
_pdbx_struct_oper_list.matrix[2][2] 
_pdbx_struct_oper_list.matrix[2][3] 
_pdbx_struct_oper_list.vector[2] 
_pdbx_struct_oper_list.matrix[3][1] 
_pdbx_struct_oper_list.matrix[3][2] 
_pdbx_struct_oper_list.matrix[3][3] 
_pdbx_struct_oper_list.vector[3] 
1 'identity operation'         1_555  x,y,z             1.0000000000  0.0000000000  0.0000000000  0.0000000000  0.0000000000  1.0000000000 0.0000000000 0.0000000000   0.0000000000  0.0000000000 1.0000000000 0.0000000000  
2 'crystal symmetry operation' 10_655 -y+1,z+1/2,-x+1/2 -0.3700489034 -0.3900248232 0.8431752169  -5.5351621458 0.9114740418  0.0230992555 0.4107085286 -11.3900020391 -0.1796632410 0.9205145635 0.3469496479 11.1194804517 
3 'crystal symmetry operation' 7_564  -z+1/2,-x+1,y-1/2 -0.3700489034 0.9114740418  -0.1796632410 10.3311724095 -0.3900248232 0.0230992555 0.9205145635 -12.1313937648 0.8431752169  0.4107085286 0.3469496479 5.4871826937 
# 
_struct_biol.id   1 
# 
_struct_conf.conf_type_id            HELX_P 
_struct_conf.id                      HELX_P1 
_struct_conf.pdbx_PDB_helix_id       1 
_struct_conf.beg_label_comp_id       TYR 
_struct_conf.beg_label_asym_id       A 
_struct_conf.beg_label_seq_id        10 
_struct_conf.pdbx_beg_PDB_ins_code   ? 
_struct_conf.end_label_comp_id       TRP 
_struct_conf.end_label_asym_id       A 
_struct_conf.end_label_seq_id        25 
_struct_conf.pdbx_end_PDB_ins_code   ? 
_struct_conf.beg_auth_comp_id        TYR 
_struct_conf.beg_auth_asym_id        A 
_struct_conf.beg_auth_seq_id         10 
_struct_conf.end_auth_comp_id        TRP 
_struct_conf.end_auth_asym_id        A 
_struct_conf.end_auth_seq_id         25 
_struct_conf.pdbx_PDB_helix_class    5 
_struct_conf.details                 ? 
_struct_conf.pdbx_PDB_helix_length   16 
# 
_struct_conf_type.id          HELX_P 
_struct_conf_type.criteria    ? 
_struct_conf_type.reference   ? 
# 
loop_
_pdbx_validate_rmsd_angle.id 
_pdbx_validate_rmsd_angle.PDB_model_num 
_pdbx_validate_rmsd_angle.auth_atom_id_1 
_pdbx_validate_rmsd_angle.auth_asym_id_1 
_pdbx_validate_rmsd_angle.auth_comp_id_1 
_pdbx_validate_rmsd_angle.auth_seq_id_1 
_pdbx_validate_rmsd_angle.PDB_ins_code_1 
_pdbx_validate_rmsd_angle.label_alt_id_1 
_pdbx_validate_rmsd_angle.auth_atom_id_2 
_pdbx_validate_rmsd_angle.auth_asym_id_2 
_pdbx_validate_rmsd_angle.auth_comp_id_2 
_pdbx_validate_rmsd_angle.auth_seq_id_2 
_pdbx_validate_rmsd_angle.PDB_ins_code_2 
_pdbx_validate_rmsd_angle.label_alt_id_2 
_pdbx_validate_rmsd_angle.auth_atom_id_3 
_pdbx_validate_rmsd_angle.auth_asym_id_3 
_pdbx_validate_rmsd_angle.auth_comp_id_3 
_pdbx_validate_rmsd_angle.auth_seq_id_3 
_pdbx_validate_rmsd_angle.PDB_ins_code_3 
_pdbx_validate_rmsd_angle.label_alt_id_3 
_pdbx_validate_rmsd_angle.angle_value 
_pdbx_validate_rmsd_angle.angle_target_value 
_pdbx_validate_rmsd_angle.angle_deviation 
_pdbx_validate_rmsd_angle.angle_standard_deviation 
_pdbx_validate_rmsd_angle.linker_flag 
1 1 N  A THR 5  ? ? CA A THR 5  ? ? C  A THR 5  ? ? 134.47 111.00 23.47 2.70 N 
2 1 CA A LEU 26 ? ? CB A LEU 26 ? ? CG A LEU 26 ? ? 131.51 115.30 16.21 2.30 N 
# 
loop_
_pdbx_validate_torsion.id 
_pdbx_validate_torsion.PDB_model_num 
_pdbx_validate_torsion.auth_comp_id 
_pdbx_validate_torsion.auth_asym_id 
_pdbx_validate_torsion.auth_seq_id 
_pdbx_validate_torsion.PDB_ins_code 
_pdbx_validate_torsion.label_alt_id 
_pdbx_validate_torsion.phi 
_pdbx_validate_torsion.psi 
1 1 THR A 5  ? ? 77.23   128.66  
2 1 PHE A 6  ? ? -167.33 -22.35  
3 1 SER A 8  ? ? -83.98  47.65   
4 1 ASP A 9  ? ? -162.16 -108.55 
5 1 TYR A 10 ? ? -22.86  -37.73  
6 1 SER A 11 ? ? -53.25  1.01    
7 1 LEU A 26 ? ? -68.81  51.75   
8 1 MET A 27 ? ? 168.36  -86.51  
9 1 ASN A 28 ? ? 34.70   81.04   
# 
loop_
_chem_comp_atom.comp_id 
_chem_comp_atom.atom_id 
_chem_comp_atom.type_symbol 
_chem_comp_atom.pdbx_aromatic_flag 
_chem_comp_atom.pdbx_stereo_config 
_chem_comp_atom.pdbx_ordinal 
ALA N    N N N 1   
ALA CA   C N S 2   
ALA C    C N N 3   
ALA O    O N N 4   
ALA CB   C N N 5   
ALA OXT  O N N 6   
ALA H    H N N 7   
ALA H2   H N N 8   
ALA HA   H N N 9   
ALA HB1  H N N 10  
ALA HB2  H N N 11  
ALA HB3  H N N 12  
ALA HXT  H N N 13  
ARG N    N N N 14  
ARG CA   C N S 15  
ARG C    C N N 16  
ARG O    O N N 17  
ARG CB   C N N 18  
ARG CG   C N N 19  
ARG CD   C N N 20  
ARG NE   N N N 21  
ARG CZ   C N N 22  
ARG NH1  N N N 23  
ARG NH2  N N N 24  
ARG OXT  O N N 25  
ARG H    H N N 26  
ARG H2   H N N 27  
ARG HA   H N N 28  
ARG HB2  H N N 29  
ARG HB3  H N N 30  
ARG HG2  H N N 31  
ARG HG3  H N N 32  
ARG HD2  H N N 33  
ARG HD3  H N N 34  
ARG HE   H N N 35  
ARG HH11 H N N 36  
ARG HH12 H N N 37  
ARG HH21 H N N 38  
ARG HH22 H N N 39  
ARG HXT  H N N 40  
ASN N    N N N 41  
ASN CA   C N S 42  
ASN C    C N N 43  
ASN O    O N N 44  
ASN CB   C N N 45  
ASN CG   C N N 46  
ASN OD1  O N N 47  
ASN ND2  N N N 48  
ASN OXT  O N N 49  
ASN H    H N N 50  
ASN H2   H N N 51  
ASN HA   H N N 52  
ASN HB2  H N N 53  
ASN HB3  H N N 54  
ASN HD21 H N N 55  
ASN HD22 H N N 56  
ASN HXT  H N N 57  
ASP N    N N N 58  
ASP CA   C N S 59  
ASP C    C N N 60  
ASP O    O N N 61  
ASP CB   C N N 62  
ASP CG   C N N 63  
ASP OD1  O N N 64  
ASP OD2  O N N 65  
ASP OXT  O N N 66  
ASP H    H N N 67  
ASP H2   H N N 68  
ASP HA   H N N 69  
ASP HB2  H N N 70  
ASP HB3  H N N 71  
ASP HD2  H N N 72  
ASP HXT  H N N 73  
GLN N    N N N 74  
GLN CA   C N S 75  
GLN C    C N N 76  
GLN O    O N N 77  
GLN CB   C N N 78  
GLN CG   C N N 79  
GLN CD   C N N 80  
GLN OE1  O N N 81  
GLN NE2  N N N 82  
GLN OXT  O N N 83  
GLN H    H N N 84  
GLN H2   H N N 85  
GLN HA   H N N 86  
GLN HB2  H N N 87  
GLN HB3  H N N 88  
GLN HG2  H N N 89  
GLN HG3  H N N 90  
GLN HE21 H N N 91  
GLN HE22 H N N 92  
GLN HXT  H N N 93  
GLU N    N N N 94  
GLU CA   C N S 95  
GLU C    C N N 96  
GLU O    O N N 97  
GLU CB   C N N 98  
GLU CG   C N N 99  
GLU CD   C N N 100 
GLU OE1  O N N 101 
GLU OE2  O N N 102 
GLU OXT  O N N 103 
GLU H    H N N 104 
GLU H2   H N N 105 
GLU HA   H N N 106 
GLU HB2  H N N 107 
GLU HB3  H N N 108 
GLU HG2  H N N 109 
GLU HG3  H N N 110 
GLU HE2  H N N 111 
GLU HXT  H N N 112 
GLY N    N N N 113 
GLY CA   C N N 114 
GLY C    C N N 115 
GLY O    O N N 116 
GLY OXT  O N N 117 
GLY H    H N N 118 
GLY H2   H N N 119 
GLY HA2  H N N 120 
GLY HA3  H N N 121 
GLY HXT  H N N 122 
HIS N    N N N 123 
HIS CA   C N S 124 
HIS C    C N N 125 
HIS O    O N N 126 
HIS CB   C N N 127 
HIS CG   C Y N 128 
HIS ND1  N Y N 129 
HIS CD2  C Y N 130 
HIS CE1  C Y N 131 
HIS NE2  N Y N 132 
HIS OXT  O N N 133 
HIS H    H N N 134 
HIS H2   H N N 135 
HIS HA   H N N 136 
HIS HB2  H N N 137 
HIS HB3  H N N 138 
HIS HD1  H N N 139 
HIS HD2  H N N 140 
HIS HE1  H N N 141 
HIS HE2  H N N 142 
HIS HXT  H N N 143 
LEU N    N N N 144 
LEU CA   C N S 145 
LEU C    C N N 146 
LEU O    O N N 147 
LEU CB   C N N 148 
LEU CG   C N N 149 
LEU CD1  C N N 150 
LEU CD2  C N N 151 
LEU OXT  O N N 152 
LEU H    H N N 153 
LEU H2   H N N 154 
LEU HA   H N N 155 
LEU HB2  H N N 156 
LEU HB3  H N N 157 
LEU HG   H N N 158 
LEU HD11 H N N 159 
LEU HD12 H N N 160 
LEU HD13 H N N 161 
LEU HD21 H N N 162 
LEU HD22 H N N 163 
LEU HD23 H N N 164 
LEU HXT  H N N 165 
LYS N    N N N 166 
LYS CA   C N S 167 
LYS C    C N N 168 
LYS O    O N N 169 
LYS CB   C N N 170 
LYS CG   C N N 171 
LYS CD   C N N 172 
LYS CE   C N N 173 
LYS NZ   N N N 174 
LYS OXT  O N N 175 
LYS H    H N N 176 
LYS H2   H N N 177 
LYS HA   H N N 178 
LYS HB2  H N N 179 
LYS HB3  H N N 180 
LYS HG2  H N N 181 
LYS HG3  H N N 182 
LYS HD2  H N N 183 
LYS HD3  H N N 184 
LYS HE2  H N N 185 
LYS HE3  H N N 186 
LYS HZ1  H N N 187 
LYS HZ2  H N N 188 
LYS HZ3  H N N 189 
LYS HXT  H N N 190 
MET N    N N N 191 
MET CA   C N S 192 
MET C    C N N 193 
MET O    O N N 194 
MET CB   C N N 195 
MET CG   C N N 196 
MET SD   S N N 197 
MET CE   C N N 198 
MET OXT  O N N 199 
MET H    H N N 200 
MET H2   H N N 201 
MET HA   H N N 202 
MET HB2  H N N 203 
MET HB3  H N N 204 
MET HG2  H N N 205 
MET HG3  H N N 206 
MET HE1  H N N 207 
MET HE2  H N N 208 
MET HE3  H N N 209 
MET HXT  H N N 210 
PHE N    N N N 211 
PHE CA   C N S 212 
PHE C    C N N 213 
PHE O    O N N 214 
PHE CB   C N N 215 
PHE CG   C Y N 216 
PHE CD1  C Y N 217 
PHE CD2  C Y N 218 
PHE CE1  C Y N 219 
PHE CE2  C Y N 220 
PHE CZ   C Y N 221 
PHE OXT  O N N 222 
PHE H    H N N 223 
PHE H2   H N N 224 
PHE HA   H N N 225 
PHE HB2  H N N 226 
PHE HB3  H N N 227 
PHE HD1  H N N 228 
PHE HD2  H N N 229 
PHE HE1  H N N 230 
PHE HE2  H N N 231 
PHE HZ   H N N 232 
PHE HXT  H N N 233 
SER N    N N N 234 
SER CA   C N S 235 
SER C    C N N 236 
SER O    O N N 237 
SER CB   C N N 238 
SER OG   O N N 239 
SER OXT  O N N 240 
SER H    H N N 241 
SER H2   H N N 242 
SER HA   H N N 243 
SER HB2  H N N 244 
SER HB3  H N N 245 
SER HG   H N N 246 
SER HXT  H N N 247 
THR N    N N N 248 
THR CA   C N S 249 
THR C    C N N 250 
THR O    O N N 251 
THR CB   C N R 252 
THR OG1  O N N 253 
THR CG2  C N N 254 
THR OXT  O N N 255 
THR H    H N N 256 
THR H2   H N N 257 
THR HA   H N N 258 
THR HB   H N N 259 
THR HG1  H N N 260 
THR HG21 H N N 261 
THR HG22 H N N 262 
THR HG23 H N N 263 
THR HXT  H N N 264 
TRP N    N N N 265 
TRP CA   C N S 266 
TRP C    C N N 267 
TRP O    O N N 268 
TRP CB   C N N 269 
TRP CG   C Y N 270 
TRP CD1  C Y N 271 
TRP CD2  C Y N 272 
TRP NE1  N Y N 273 
TRP CE2  C Y N 274 
TRP CE3  C Y N 275 
TRP CZ2  C Y N 276 
TRP CZ3  C Y N 277 
TRP CH2  C Y N 278 
TRP OXT  O N N 279 
TRP H    H N N 280 
TRP H2   H N N 281 
TRP HA   H N N 282 
TRP HB2  H N N 283 
TRP HB3  H N N 284 
TRP HD1  H N N 285 
TRP HE1  H N N 286 
TRP HE3  H N N 287 
TRP HZ2  H N N 288 
TRP HZ3  H N N 289 
TRP HH2  H N N 290 
TRP HXT  H N N 291 
TYR N    N N N 292 
TYR CA   C N S 293 
TYR C    C N N 294 
TYR O    O N N 295 
TYR CB   C N N 296 
TYR CG   C Y N 297 
TYR CD1  C Y N 298 
TYR CD2  C Y N 299 
TYR CE1  C Y N 300 
TYR CE2  C Y N 301 
TYR CZ   C Y N 302 
TYR OH   O N N 303 
TYR OXT  O N N 304 
TYR H    H N N 305 
TYR H2   H N N 306 
TYR HA   H N N 307 
TYR HB2  H N N 308 
TYR HB3  H N N 309 
TYR HD1  H N N 310 
TYR HD2  H N N 311 
TYR HE1  H N N 312 
TYR HE2  H N N 313 
TYR HH   H N N 314 
TYR HXT  H N N 315 
VAL N    N N N 316 
VAL CA   C N S 317 
VAL C    C N N 318 
VAL O    O N N 319 
VAL CB   C N N 320 
VAL CG1  C N N 321 
VAL CG2  C N N 322 
VAL OXT  O N N 323 
VAL H    H N N 324 
VAL H2   H N N 325 
VAL HA   H N N 326 
VAL HB   H N N 327 
VAL HG11 H N N 328 
VAL HG12 H N N 329 
VAL HG13 H N N 330 
VAL HG21 H N N 331 
VAL HG22 H N N 332 
VAL HG23 H N N 333 
VAL HXT  H N N 334 
# 
loop_
_chem_comp_bond.comp_id 
_chem_comp_bond.atom_id_1 
_chem_comp_bond.atom_id_2 
_chem_comp_bond.value_order 
_chem_comp_bond.pdbx_aromatic_flag 
_chem_comp_bond.pdbx_stereo_config 
_chem_comp_bond.pdbx_ordinal 
ALA N   CA   sing N N 1   
ALA N   H    sing N N 2   
ALA N   H2   sing N N 3   
ALA CA  C    sing N N 4   
ALA CA  CB   sing N N 5   
ALA CA  HA   sing N N 6   
ALA C   O    doub N N 7   
ALA C   OXT  sing N N 8   
ALA CB  HB1  sing N N 9   
ALA CB  HB2  sing N N 10  
ALA CB  HB3  sing N N 11  
ALA OXT HXT  sing N N 12  
ARG N   CA   sing N N 13  
ARG N   H    sing N N 14  
ARG N   H2   sing N N 15  
ARG CA  C    sing N N 16  
ARG CA  CB   sing N N 17  
ARG CA  HA   sing N N 18  
ARG C   O    doub N N 19  
ARG C   OXT  sing N N 20  
ARG CB  CG   sing N N 21  
ARG CB  HB2  sing N N 22  
ARG CB  HB3  sing N N 23  
ARG CG  CD   sing N N 24  
ARG CG  HG2  sing N N 25  
ARG CG  HG3  sing N N 26  
ARG CD  NE   sing N N 27  
ARG CD  HD2  sing N N 28  
ARG CD  HD3  sing N N 29  
ARG NE  CZ   sing N N 30  
ARG NE  HE   sing N N 31  
ARG CZ  NH1  sing N N 32  
ARG CZ  NH2  doub N N 33  
ARG NH1 HH11 sing N N 34  
ARG NH1 HH12 sing N N 35  
ARG NH2 HH21 sing N N 36  
ARG NH2 HH22 sing N N 37  
ARG OXT HXT  sing N N 38  
ASN N   CA   sing N N 39  
ASN N   H    sing N N 40  
ASN N   H2   sing N N 41  
ASN CA  C    sing N N 42  
ASN CA  CB   sing N N 43  
ASN CA  HA   sing N N 44  
ASN C   O    doub N N 45  
ASN C   OXT  sing N N 46  
ASN CB  CG   sing N N 47  
ASN CB  HB2  sing N N 48  
ASN CB  HB3  sing N N 49  
ASN CG  OD1  doub N N 50  
ASN CG  ND2  sing N N 51  
ASN ND2 HD21 sing N N 52  
ASN ND2 HD22 sing N N 53  
ASN OXT HXT  sing N N 54  
ASP N   CA   sing N N 55  
ASP N   H    sing N N 56  
ASP N   H2   sing N N 57  
ASP CA  C    sing N N 58  
ASP CA  CB   sing N N 59  
ASP CA  HA   sing N N 60  
ASP C   O    doub N N 61  
ASP C   OXT  sing N N 62  
ASP CB  CG   sing N N 63  
ASP CB  HB2  sing N N 64  
ASP CB  HB3  sing N N 65  
ASP CG  OD1  doub N N 66  
ASP CG  OD2  sing N N 67  
ASP OD2 HD2  sing N N 68  
ASP OXT HXT  sing N N 69  
GLN N   CA   sing N N 70  
GLN N   H    sing N N 71  
GLN N   H2   sing N N 72  
GLN CA  C    sing N N 73  
GLN CA  CB   sing N N 74  
GLN CA  HA   sing N N 75  
GLN C   O    doub N N 76  
GLN C   OXT  sing N N 77  
GLN CB  CG   sing N N 78  
GLN CB  HB2  sing N N 79  
GLN CB  HB3  sing N N 80  
GLN CG  CD   sing N N 81  
GLN CG  HG2  sing N N 82  
GLN CG  HG3  sing N N 83  
GLN CD  OE1  doub N N 84  
GLN CD  NE2  sing N N 85  
GLN NE2 HE21 sing N N 86  
GLN NE2 HE22 sing N N 87  
GLN OXT HXT  sing N N 88  
GLU N   CA   sing N N 89  
GLU N   H    sing N N 90  
GLU N   H2   sing N N 91  
GLU CA  C    sing N N 92  
GLU CA  CB   sing N N 93  
GLU CA  HA   sing N N 94  
GLU C   O    doub N N 95  
GLU C   OXT  sing N N 96  
GLU CB  CG   sing N N 97  
GLU CB  HB2  sing N N 98  
GLU CB  HB3  sing N N 99  
GLU CG  CD   sing N N 100 
GLU CG  HG2  sing N N 101 
GLU CG  HG3  sing N N 102 
GLU CD  OE1  doub N N 103 
GLU CD  OE2  sing N N 104 
GLU OE2 HE2  sing N N 105 
GLU OXT HXT  sing N N 106 
GLY N   CA   sing N N 107 
GLY N   H    sing N N 108 
GLY N   H2   sing N N 109 
GLY CA  C    sing N N 110 
GLY CA  HA2  sing N N 111 
GLY CA  HA3  sing N N 112 
GLY C   O    doub N N 113 
GLY C   OXT  sing N N 114 
GLY OXT HXT  sing N N 115 
HIS N   CA   sing N N 116 
HIS N   H    sing N N 117 
HIS N   H2   sing N N 118 
HIS CA  C    sing N N 119 
HIS CA  CB   sing N N 120 
HIS CA  HA   sing N N 121 
HIS C   O    doub N N 122 
HIS C   OXT  sing N N 123 
HIS CB  CG   sing N N 124 
HIS CB  HB2  sing N N 125 
HIS CB  HB3  sing N N 126 
HIS CG  ND1  sing Y N 127 
HIS CG  CD2  doub Y N 128 
HIS ND1 CE1  doub Y N 129 
HIS ND1 HD1  sing N N 130 
HIS CD2 NE2  sing Y N 131 
HIS CD2 HD2  sing N N 132 
HIS CE1 NE2  sing Y N 133 
HIS CE1 HE1  sing N N 134 
HIS NE2 HE2  sing N N 135 
HIS OXT HXT  sing N N 136 
LEU N   CA   sing N N 137 
LEU N   H    sing N N 138 
LEU N   H2   sing N N 139 
LEU CA  C    sing N N 140 
LEU CA  CB   sing N N 141 
LEU CA  HA   sing N N 142 
LEU C   O    doub N N 143 
LEU C   OXT  sing N N 144 
LEU CB  CG   sing N N 145 
LEU CB  HB2  sing N N 146 
LEU CB  HB3  sing N N 147 
LEU CG  CD1  sing N N 148 
LEU CG  CD2  sing N N 149 
LEU CG  HG   sing N N 150 
LEU CD1 HD11 sing N N 151 
LEU CD1 HD12 sing N N 152 
LEU CD1 HD13 sing N N 153 
LEU CD2 HD21 sing N N 154 
LEU CD2 HD22 sing N N 155 
LEU CD2 HD23 sing N N 156 
LEU OXT HXT  sing N N 157 
LYS N   CA   sing N N 158 
LYS N   H    sing N N 159 
LYS N   H2   sing N N 160 
LYS CA  C    sing N N 161 
LYS CA  CB   sing N N 162 
LYS CA  HA   sing N N 163 
LYS C   O    doub N N 164 
LYS C   OXT  sing N N 165 
LYS CB  CG   sing N N 166 
LYS CB  HB2  sing N N 167 
LYS CB  HB3  sing N N 168 
LYS CG  CD   sing N N 169 
LYS CG  HG2  sing N N 170 
LYS CG  HG3  sing N N 171 
LYS CD  CE   sing N N 172 
LYS CD  HD2  sing N N 173 
LYS CD  HD3  sing N N 174 
LYS CE  NZ   sing N N 175 
LYS CE  HE2  sing N N 176 
LYS CE  HE3  sing N N 177 
LYS NZ  HZ1  sing N N 178 
LYS NZ  HZ2  sing N N 179 
LYS NZ  HZ3  sing N N 180 
LYS OXT HXT  sing N N 181 
MET N   CA   sing N N 182 
MET N   H    sing N N 183 
MET N   H2   sing N N 184 
MET CA  C    sing N N 185 
MET CA  CB   sing N N 186 
MET CA  HA   sing N N 187 
MET C   O    doub N N 188 
MET C   OXT  sing N N 189 
MET CB  CG   sing N N 190 
MET CB  HB2  sing N N 191 
MET CB  HB3  sing N N 192 
MET CG  SD   sing N N 193 
MET CG  HG2  sing N N 194 
MET CG  HG3  sing N N 195 
MET SD  CE   sing N N 196 
MET CE  HE1  sing N N 197 
MET CE  HE2  sing N N 198 
MET CE  HE3  sing N N 199 
MET OXT HXT  sing N N 200 
PHE N   CA   sing N N 201 
PHE N   H    sing N N 202 
PHE N   H2   sing N N 203 
PHE CA  C    sing N N 204 
PHE CA  CB   sing N N 205 
PHE CA  HA   sing N N 206 
PHE C   O    doub N N 207 
PHE C   OXT  sing N N 208 
PHE CB  CG   sing N N 209 
PHE CB  HB2  sing N N 210 
PHE CB  HB3  sing N N 211 
PHE CG  CD1  doub Y N 212 
PHE CG  CD2  sing Y N 213 
PHE CD1 CE1  sing Y N 214 
PHE CD1 HD1  sing N N 215 
PHE CD2 CE2  doub Y N 216 
PHE CD2 HD2  sing N N 217 
PHE CE1 CZ   doub Y N 218 
PHE CE1 HE1  sing N N 219 
PHE CE2 CZ   sing Y N 220 
PHE CE2 HE2  sing N N 221 
PHE CZ  HZ   sing N N 222 
PHE OXT HXT  sing N N 223 
SER N   CA   sing N N 224 
SER N   H    sing N N 225 
SER N   H2   sing N N 226 
SER CA  C    sing N N 227 
SER CA  CB   sing N N 228 
SER CA  HA   sing N N 229 
SER C   O    doub N N 230 
SER C   OXT  sing N N 231 
SER CB  OG   sing N N 232 
SER CB  HB2  sing N N 233 
SER CB  HB3  sing N N 234 
SER OG  HG   sing N N 235 
SER OXT HXT  sing N N 236 
THR N   CA   sing N N 237 
THR N   H    sing N N 238 
THR N   H2   sing N N 239 
THR CA  C    sing N N 240 
THR CA  CB   sing N N 241 
THR CA  HA   sing N N 242 
THR C   O    doub N N 243 
THR C   OXT  sing N N 244 
THR CB  OG1  sing N N 245 
THR CB  CG2  sing N N 246 
THR CB  HB   sing N N 247 
THR OG1 HG1  sing N N 248 
THR CG2 HG21 sing N N 249 
THR CG2 HG22 sing N N 250 
THR CG2 HG23 sing N N 251 
THR OXT HXT  sing N N 252 
TRP N   CA   sing N N 253 
TRP N   H    sing N N 254 
TRP N   H2   sing N N 255 
TRP CA  C    sing N N 256 
TRP CA  CB   sing N N 257 
TRP CA  HA   sing N N 258 
TRP C   O    doub N N 259 
TRP C   OXT  sing N N 260 
TRP CB  CG   sing N N 261 
TRP CB  HB2  sing N N 262 
TRP CB  HB3  sing N N 263 
TRP CG  CD1  doub Y N 264 
TRP CG  CD2  sing Y N 265 
TRP CD1 NE1  sing Y N 266 
TRP CD1 HD1  sing N N 267 
TRP CD2 CE2  doub Y N 268 
TRP CD2 CE3  sing Y N 269 
TRP NE1 CE2  sing Y N 270 
TRP NE1 HE1  sing N N 271 
TRP CE2 CZ2  sing Y N 272 
TRP CE3 CZ3  doub Y N 273 
TRP CE3 HE3  sing N N 274 
TRP CZ2 CH2  doub Y N 275 
TRP CZ2 HZ2  sing N N 276 
TRP CZ3 CH2  sing Y N 277 
TRP CZ3 HZ3  sing N N 278 
TRP CH2 HH2  sing N N 279 
TRP OXT HXT  sing N N 280 
TYR N   CA   sing N N 281 
TYR N   H    sing N N 282 
TYR N   H2   sing N N 283 
TYR CA  C    sing N N 284 
TYR CA  CB   sing N N 285 
TYR CA  HA   sing N N 286 
TYR C   O    doub N N 287 
TYR C   OXT  sing N N 288 
TYR CB  CG   sing N N 289 
TYR CB  HB2  sing N N 290 
TYR CB  HB3  sing N N 291 
TYR CG  CD1  doub Y N 292 
TYR CG  CD2  sing Y N 293 
TYR CD1 CE1  sing Y N 294 
TYR CD1 HD1  sing N N 295 
TYR CD2 CE2  doub Y N 296 
TYR CD2 HD2  sing N N 297 
TYR CE1 CZ   doub Y N 298 
TYR CE1 HE1  sing N N 299 
TYR CE2 CZ   sing Y N 300 
TYR CE2 HE2  sing N N 301 
TYR CZ  OH   sing N N 302 
TYR OH  HH   sing N N 303 
TYR OXT HXT  sing N N 304 
VAL N   CA   sing N N 305 
VAL N   H    sing N N 306 
VAL N   H2   sing N N 307 
VAL CA  C    sing N N 308 
VAL CA  CB   sing N N 309 
VAL CA  HA   sing N N 310 
VAL C   O    doub N N 311 
VAL C   OXT  sing N N 312 
VAL CB  CG1  sing N N 313 
VAL CB  CG2  sing N N 314 
VAL CB  HB   sing N N 315 
VAL CG1 HG11 sing N N 316 
VAL CG1 HG12 sing N N 317 
VAL CG1 HG13 sing N N 318 
VAL CG2 HG21 sing N N 319 
VAL CG2 HG22 sing N N 320 
VAL CG2 HG23 sing N N 321 
VAL OXT HXT  sing N N 322 
# 
_atom_sites.entry_id                    1BH0 
_atom_sites.fract_transf_matrix[1][1]   -0.01909182 
_atom_sites.fract_transf_matrix[1][2]   -0.00014845 
_atom_sites.fract_transf_matrix[1][3]   -0.00844568 
_atom_sites.fract_transf_matrix[2][1]   -0.00844698 
_atom_sites.fract_transf_matrix[2][2]   0.00033151 
_atom_sites.fract_transf_matrix[2][3]   0.01908894 
_atom_sites.fract_transf_matrix[3][1]   -0.00000162 
_atom_sites.fract_transf_matrix[3][2]   0.02087384 
_atom_sites.fract_transf_matrix[3][3]   -0.00036323 
_atom_sites.fract_transf_vector[1]      0.520494 
_atom_sites.fract_transf_vector[2]      0.466059 
_atom_sites.fract_transf_vector[3]      0.221293 
# 
loop_
_atom_type.symbol 
C 
N 
O 
S 
# 
loop_
_atom_site.group_PDB 
_atom_site.id 
_atom_site.type_symbol 
_atom_site.label_atom_id 
_atom_site.label_alt_id 
_atom_site.label_comp_id 
_atom_site.label_asym_id 
_atom_site.label_entity_id 
_atom_site.label_seq_id 
_atom_site.pdbx_PDB_ins_code 
_atom_site.Cartn_x 
_atom_site.Cartn_y 
_atom_site.Cartn_z 
_atom_site.occupancy 
_atom_site.B_iso_or_equiv 
_atom_site.pdbx_formal_charge 
_atom_site.auth_seq_id 
_atom_site.auth_comp_id 
_atom_site.auth_asym_id 
_atom_site.auth_atom_id 
_atom_site.pdbx_PDB_model_num 
ATOM 1   N N   . HIS A 1 1  ? -22.324 -0.447 -7.439 1.00 13.58 ? 1  HIS A N   1 
ATOM 2   C CA  . HIS A 1 1  ? -23.386 0.192  -6.597 1.00 16.14 ? 1  HIS A CA  1 
ATOM 3   C C   . HIS A 1 1  ? -23.202 0.196  -5.064 1.00 16.28 ? 1  HIS A C   1 
ATOM 4   O O   . HIS A 1 1  ? -22.260 0.816  -4.540 1.00 17.29 ? 1  HIS A O   1 
ATOM 5   C CB  . HIS A 1 1  ? -24.798 -0.317 -6.967 1.00 17.64 ? 1  HIS A CB  1 
ATOM 6   C CG  . HIS A 1 1  ? -25.008 -1.799 -6.808 1.00 16.00 ? 1  HIS A CG  1 
ATOM 7   N ND1 . HIS A 1 1  ? -24.949 -2.434 -5.592 1.00 15.13 ? 1  HIS A ND1 1 
ATOM 8   C CD2 . HIS A 1 1  ? -25.262 -2.764 -7.726 1.00 16.31 ? 1  HIS A CD2 1 
ATOM 9   C CE1 . HIS A 1 1  ? -25.150 -3.730 -5.762 1.00 17.00 ? 1  HIS A CE1 1 
ATOM 10  N NE2 . HIS A 1 1  ? -25.341 -3.955 -7.051 1.00 16.97 ? 1  HIS A NE2 1 
ATOM 11  N N   . SER A 1 2  ? -24.202 -0.361 -4.376 1.00 14.33 ? 2  SER A N   1 
ATOM 12  C CA  . SER A 1 2  ? -24.271 -0.476 -2.922 1.00 11.33 ? 2  SER A CA  1 
ATOM 13  C C   . SER A 1 2  ? -22.887 -0.615 -2.309 1.00 8.29  ? 2  SER A C   1 
ATOM 14  O O   . SER A 1 2  ? -22.444 0.270  -1.572 1.00 8.03  ? 2  SER A O   1 
ATOM 15  C CB  . SER A 1 2  ? -25.150 -1.680 -2.552 1.00 13.84 ? 2  SER A CB  1 
ATOM 16  O OG  . SER A 1 2  ? -26.284 -1.809 -3.416 1.00 13.88 ? 2  SER A OG  1 
ATOM 17  N N   . GLN A 1 3  ? -22.204 -1.710 -2.645 1.00 5.04  ? 3  GLN A N   1 
ATOM 18  C CA  . GLN A 1 3  ? -20.830 -1.989 -2.198 1.00 4.60  ? 3  GLN A CA  1 
ATOM 19  C C   . GLN A 1 3  ? -19.816 -1.592 -3.313 1.00 4.50  ? 3  GLN A C   1 
ATOM 20  O O   . GLN A 1 3  ? -18.573 -1.703 -3.128 1.00 2.00  ? 3  GLN A O   1 
ATOM 21  C CB  . GLN A 1 3  ? -20.641 -3.453 -1.728 1.00 2.34  ? 3  GLN A CB  1 
ATOM 22  C CG  . GLN A 1 3  ? -21.151 -4.536 -2.625 1.00 2.00  ? 3  GLN A CG  1 
ATOM 23  C CD  . GLN A 1 3  ? -22.631 -4.409 -2.818 1.00 3.57  ? 3  GLN A CD  1 
ATOM 24  O OE1 . GLN A 1 3  ? -23.388 -4.595 -1.875 1.00 6.71  ? 3  GLN A OE1 1 
ATOM 25  N NE2 . GLN A 1 3  ? -23.057 -4.008 -4.015 1.00 2.00  ? 3  GLN A NE2 1 
ATOM 26  N N   . GLY A 1 4  ? -20.411 -1.108 -4.423 1.00 3.59  ? 4  GLY A N   1 
ATOM 27  C CA  . GLY A 1 4  ? -19.736 -0.621 -5.610 1.00 4.42  ? 4  GLY A CA  1 
ATOM 28  C C   . GLY A 1 4  ? -18.596 0.357  -5.390 1.00 7.33  ? 4  GLY A C   1 
ATOM 29  O O   . GLY A 1 4  ? -18.738 1.579  -5.614 1.00 4.48  ? 4  GLY A O   1 
ATOM 30  N N   . THR A 1 5  ? -17.506 -0.268 -4.883 1.00 10.03 ? 5  THR A N   1 
ATOM 31  C CA  . THR A 1 5  ? -16.106 0.146  -4.531 1.00 6.51  ? 5  THR A CA  1 
ATOM 32  C C   . THR A 1 5  ? -15.469 0.918  -3.352 1.00 6.80  ? 5  THR A C   1 
ATOM 33  O O   . THR A 1 5  ? -15.832 2.031  -2.999 1.00 5.93  ? 5  THR A O   1 
ATOM 34  C CB  . THR A 1 5  ? -15.266 0.449  -5.800 1.00 3.70  ? 5  THR A CB  1 
ATOM 35  O OG1 . THR A 1 5  ? -15.890 1.470  -6.581 1.00 3.41  ? 5  THR A OG1 1 
ATOM 36  C CG2 . THR A 1 5  ? -15.140 -0.789 -6.626 1.00 2.00  ? 5  THR A CG2 1 
ATOM 37  N N   . PHE A 1 6  ? -14.437 0.264  -2.811 1.00 10.00 ? 6  PHE A N   1 
ATOM 38  C CA  . PHE A 1 6  ? -13.532 0.757  -1.748 1.00 12.73 ? 6  PHE A CA  1 
ATOM 39  C C   . PHE A 1 6  ? -12.222 -0.071 -1.503 1.00 12.75 ? 6  PHE A C   1 
ATOM 40  O O   . PHE A 1 6  ? -11.191 0.453  -0.995 1.00 9.44  ? 6  PHE A O   1 
ATOM 41  C CB  . PHE A 1 6  ? -14.269 1.071  -0.438 1.00 15.03 ? 6  PHE A CB  1 
ATOM 42  C CG  . PHE A 1 6  ? -13.938 2.441  0.064  1.00 16.36 ? 6  PHE A CG  1 
ATOM 43  C CD1 . PHE A 1 6  ? -13.834 3.486  -0.857 1.00 15.22 ? 6  PHE A CD1 1 
ATOM 44  C CD2 . PHE A 1 6  ? -13.588 2.660  1.398  1.00 16.53 ? 6  PHE A CD2 1 
ATOM 45  C CE1 . PHE A 1 6  ? -13.369 4.728  -0.462 1.00 18.81 ? 6  PHE A CE1 1 
ATOM 46  C CE2 . PHE A 1 6  ? -13.121 3.910  1.812  1.00 18.13 ? 6  PHE A CE2 1 
ATOM 47  C CZ  . PHE A 1 6  ? -13.004 4.951  0.883  1.00 18.99 ? 6  PHE A CZ  1 
ATOM 48  N N   . THR A 1 7  ? -12.285 -1.340 -1.923 1.00 12.38 ? 7  THR A N   1 
ATOM 49  C CA  . THR A 1 7  ? -11.181 -2.282 -1.841 1.00 11.63 ? 7  THR A CA  1 
ATOM 50  C C   . THR A 1 7  ? -10.643 -2.372 -3.257 1.00 9.93  ? 7  THR A C   1 
ATOM 51  O O   . THR A 1 7  ? -9.452  -2.605 -3.491 1.00 8.63  ? 7  THR A O   1 
ATOM 52  C CB  . THR A 1 7  ? -11.591 -3.657 -1.213 1.00 13.49 ? 7  THR A CB  1 
ATOM 53  O OG1 . THR A 1 7  ? -12.999 -3.664 -0.858 1.00 12.32 ? 7  THR A OG1 1 
ATOM 54  C CG2 . THR A 1 7  ? -10.742 -3.862 0.083  1.00 15.66 ? 7  THR A CG2 1 
ATOM 55  N N   . SER A 1 8  ? -11.531 -2.134 -4.213 1.00 8.77  ? 8  SER A N   1 
ATOM 56  C CA  . SER A 1 8  ? -11.105 -2.047 -5.597 1.00 10.46 ? 8  SER A CA  1 
ATOM 57  C C   . SER A 1 8  ? -10.678 -0.561 -5.548 1.00 12.61 ? 8  SER A C   1 
ATOM 58  O O   . SER A 1 8  ? -11.148 0.269  -6.350 1.00 12.62 ? 8  SER A O   1 
ATOM 59  C CB  . SER A 1 8  ? -12.279 -2.203 -6.597 1.00 9.16  ? 8  SER A CB  1 
ATOM 60  O OG  . SER A 1 8  ? -12.897 -3.479 -6.604 1.00 5.13  ? 8  SER A OG  1 
ATOM 61  N N   . ASP A 1 9  ? -9.912  -0.235 -4.502 1.00 12.55 ? 9  ASP A N   1 
ATOM 62  C CA  . ASP A 1 9  ? -9.395  1.095  -4.245 1.00 12.81 ? 9  ASP A CA  1 
ATOM 63  C C   . ASP A 1 9  ? -8.248  1.027  -3.270 1.00 12.05 ? 9  ASP A C   1 
ATOM 64  O O   . ASP A 1 9  ? -7.160  0.524  -3.585 1.00 10.01 ? 9  ASP A O   1 
ATOM 65  C CB  . ASP A 1 9  ? -10.472 2.074  -3.691 1.00 14.29 ? 9  ASP A CB  1 
ATOM 66  C CG  . ASP A 1 9  ? -9.915  3.532  -3.442 1.00 15.16 ? 9  ASP A CG  1 
ATOM 67  O OD1 . ASP A 1 9  ? -8.869  3.938  -4.011 1.00 16.58 ? 9  ASP A OD1 1 
ATOM 68  O OD2 . ASP A 1 9  ? -10.522 4.302  -2.662 1.00 18.42 ? 9  ASP A OD2 1 
ATOM 69  N N   . TYR A 1 10 ? -8.538  1.505  -2.062 1.00 13.37 ? 10 TYR A N   1 
ATOM 70  C CA  . TYR A 1 10 ? -7.559  1.642  -0.954 1.00 14.09 ? 10 TYR A CA  1 
ATOM 71  C C   . TYR A 1 10 ? -6.266  0.779  -0.922 1.00 11.49 ? 10 TYR A C   1 
ATOM 72  O O   . TYR A 1 10 ? -5.213  1.272  -0.565 1.00 10.55 ? 10 TYR A O   1 
ATOM 73  C CB  . TYR A 1 10 ? -8.297  1.594  0.440  1.00 12.96 ? 10 TYR A CB  1 
ATOM 74  C CG  . TYR A 1 10 ? -7.559  0.780  1.502  1.00 13.68 ? 10 TYR A CG  1 
ATOM 75  C CD1 . TYR A 1 10 ? -6.334  1.235  2.020  1.00 13.39 ? 10 TYR A CD1 1 
ATOM 76  C CD2 . TYR A 1 10 ? -8.004  -0.504 1.889  1.00 11.00 ? 10 TYR A CD2 1 
ATOM 77  C CE1 . TYR A 1 10 ? -5.570  0.438  2.866  1.00 14.54 ? 10 TYR A CE1 1 
ATOM 78  C CE2 . TYR A 1 10 ? -7.239  -1.309 2.754  1.00 10.56 ? 10 TYR A CE2 1 
ATOM 79  C CZ  . TYR A 1 10 ? -6.011  -0.836 3.237  1.00 11.98 ? 10 TYR A CZ  1 
ATOM 80  O OH  . TYR A 1 10 ? -5.172  -1.587 4.061  1.00 9.60  ? 10 TYR A OH  1 
ATOM 81  N N   . SER A 1 11 ? -6.365  -0.474 -1.334 1.00 9.97  ? 11 SER A N   1 
ATOM 82  C CA  . SER A 1 11 ? -5.286  -1.414 -1.211 1.00 9.97  ? 11 SER A CA  1 
ATOM 83  C C   . SER A 1 11 ? -3.862  -1.188 -1.722 1.00 10.09 ? 11 SER A C   1 
ATOM 84  O O   . SER A 1 11 ? -2.989  -2.039 -1.533 1.00 9.07  ? 11 SER A O   1 
ATOM 85  C CB  . SER A 1 11 ? -5.830  -2.807 -1.515 1.00 11.52 ? 11 SER A CB  1 
ATOM 86  O OG  . SER A 1 11 ? -6.871  -3.152 -0.586 1.00 11.04 ? 11 SER A OG  1 
ATOM 87  N N   . LYS A 1 12 ? -3.600  -0.030 -2.306 1.00 10.03 ? 12 LYS A N   1 
ATOM 88  C CA  . LYS A 1 12 ? -2.255  0.247  -2.760 1.00 10.84 ? 12 LYS A CA  1 
ATOM 89  C C   . LYS A 1 12 ? -1.444  1.070  -1.752 1.00 12.53 ? 12 LYS A C   1 
ATOM 90  O O   . LYS A 1 12 ? -0.195  1.017  -1.808 1.00 13.32 ? 12 LYS A O   1 
ATOM 91  C CB  . LYS A 1 12 ? -2.210  0.890  -4.142 1.00 11.25 ? 12 LYS A CB  1 
ATOM 92  C CG  . LYS A 1 12 ? -2.145  -0.123 -5.266 1.00 11.10 ? 12 LYS A CG  1 
ATOM 93  C CD  . LYS A 1 12 ? -3.564  -0.538 -5.620 1.00 11.20 ? 12 LYS A CD  1 
ATOM 94  C CE  . LYS A 1 12 ? -4.484  0.700  -5.776 1.00 10.64 ? 12 LYS A CE  1 
ATOM 95  N NZ  . LYS A 1 12 ? -5.955  0.417  -5.753 1.00 8.35  ? 12 LYS A NZ  1 
ATOM 96  N N   . TYR A 1 13 ? -2.123  1.905  -0.942 1.00 10.07 ? 13 TYR A N   1 
ATOM 97  C CA  . TYR A 1 13 ? -1.484  2.705  0.121  1.00 8.77  ? 13 TYR A CA  1 
ATOM 98  C C   . TYR A 1 13 ? -0.762  1.638  1.011  1.00 8.00  ? 13 TYR A C   1 
ATOM 99  O O   . TYR A 1 13 ? 0.304   1.882  1.634  1.00 3.97  ? 13 TYR A O   1 
ATOM 100 C CB  . TYR A 1 13 ? -2.582  3.505  0.858  1.00 10.84 ? 13 TYR A CB  1 
ATOM 101 C CG  . TYR A 1 13 ? -2.368  3.894  2.329  1.00 16.70 ? 13 TYR A CG  1 
ATOM 102 C CD1 . TYR A 1 13 ? -2.309  2.927  3.352  1.00 19.27 ? 13 TYR A CD1 1 
ATOM 103 C CD2 . TYR A 1 13 ? -2.346  5.245  2.712  1.00 19.34 ? 13 TYR A CD2 1 
ATOM 104 C CE1 . TYR A 1 13 ? -2.231  3.309  4.732  1.00 21.98 ? 13 TYR A CE1 1 
ATOM 105 C CE2 . TYR A 1 13 ? -2.284  5.639  4.078  1.00 20.10 ? 13 TYR A CE2 1 
ATOM 106 C CZ  . TYR A 1 13 ? -2.226  4.685  5.089  1.00 20.05 ? 13 TYR A CZ  1 
ATOM 107 O OH  . TYR A 1 13 ? -2.180  5.113  6.428  1.00 16.38 ? 13 TYR A OH  1 
ATOM 108 N N   . LEU A 1 14 ? -1.354  0.438  0.986  1.00 5.85  ? 14 LEU A N   1 
ATOM 109 C CA  . LEU A 1 14 ? -0.827  -0.720 1.663  1.00 6.10  ? 14 LEU A CA  1 
ATOM 110 C C   . LEU A 1 14 ? 0.496   -1.086 0.937  1.00 6.74  ? 14 LEU A C   1 
ATOM 111 O O   . LEU A 1 14 ? 1.542   -1.348 1.565  1.00 5.70  ? 14 LEU A O   1 
ATOM 112 C CB  . LEU A 1 14 ? -1.839  -1.854 1.574  1.00 2.92  ? 14 LEU A CB  1 
ATOM 113 C CG  . LEU A 1 14 ? -1.651  -3.068 2.514  1.00 4.07  ? 14 LEU A CG  1 
ATOM 114 C CD1 . LEU A 1 14 ? -0.607  -4.085 2.020  1.00 2.00  ? 14 LEU A CD1 1 
ATOM 115 C CD2 . LEU A 1 14 ? -1.363  -2.616 3.934  1.00 3.04  ? 14 LEU A CD2 1 
ATOM 116 N N   . ASP A 1 15 ? 0.427   -1.081 -0.383 1.00 6.04  ? 15 ASP A N   1 
ATOM 117 C CA  . ASP A 1 15 ? 1.572   -1.347 -1.223 1.00 7.54  ? 15 ASP A CA  1 
ATOM 118 C C   . ASP A 1 15 ? 2.510   -0.113 -1.193 1.00 8.36  ? 15 ASP A C   1 
ATOM 119 O O   . ASP A 1 15 ? 3.731   -0.205 -1.425 1.00 7.75  ? 15 ASP A O   1 
ATOM 120 C CB  . ASP A 1 15 ? 1.091   -1.685 -2.632 1.00 11.58 ? 15 ASP A CB  1 
ATOM 121 C CG  . ASP A 1 15 ? 0.016   -2.815 -2.636 1.00 15.52 ? 15 ASP A CG  1 
ATOM 122 O OD1 . ASP A 1 15 ? 0.124   -3.734 -1.759 1.00 14.33 ? 15 ASP A OD1 1 
ATOM 123 O OD2 . ASP A 1 15 ? -0.923  -2.770 -3.510 1.00 12.67 ? 15 ASP A OD2 1 
ATOM 124 N N   . SER A 1 16 ? 1.960   1.023  -0.795 1.00 7.80  ? 16 SER A N   1 
ATOM 125 C CA  . SER A 1 16 ? 2.756   2.235  -0.695 1.00 8.46  ? 16 SER A CA  1 
ATOM 126 C C   . SER A 1 16 ? 3.600   2.138  0.608  1.00 8.61  ? 16 SER A C   1 
ATOM 127 O O   . SER A 1 16 ? 4.727   2.706  0.729  1.00 7.65  ? 16 SER A O   1 
ATOM 128 C CB  . SER A 1 16 ? 1.846   3.473  -0.725 1.00 6.32  ? 16 SER A CB  1 
ATOM 129 O OG  . SER A 1 16 ? 1.344   3.726  -2.019 1.00 2.00  ? 16 SER A OG  1 
ATOM 130 N N   . LYS A 1 17 ? 3.038   1.468  1.610  1.00 6.73  ? 17 LYS A N   1 
ATOM 131 C CA  . LYS A 1 17 ? 3.798   1.292  2.831  1.00 5.59  ? 17 LYS A CA  1 
ATOM 132 C C   . LYS A 1 17 ? 4.647   0.066  2.542  1.00 5.65  ? 17 LYS A C   1 
ATOM 133 O O   . LYS A 1 17 ? 5.667   -0.064 3.151  1.00 9.23  ? 17 LYS A O   1 
ATOM 134 C CB  . LYS A 1 17 ? 2.904   1.019  4.055  1.00 6.88  ? 17 LYS A CB  1 
ATOM 135 C CG  . LYS A 1 17 ? 2.529   2.190  5.003  1.00 2.57  ? 17 LYS A CG  1 
ATOM 136 C CD  . LYS A 1 17 ? 1.210   1.881  5.756  1.00 2.00  ? 17 LYS A CD  1 
ATOM 137 C CE  . LYS A 1 17 ? 1.002   0.348  6.084  1.00 2.08  ? 17 LYS A CE  1 
ATOM 138 N NZ  . LYS A 1 17 ? 1.340   -0.182 7.472  1.00 2.00  ? 17 LYS A NZ  1 
ATOM 139 N N   . LYS A 1 18 ? 4.253   -0.858 1.663  1.00 4.30  ? 18 LYS A N   1 
ATOM 140 C CA  . LYS A 1 18 ? 5.138   -2.021 1.409  1.00 4.52  ? 18 LYS A CA  1 
ATOM 141 C C   . LYS A 1 18 ? 6.320   -1.626 0.561  1.00 3.38  ? 18 LYS A C   1 
ATOM 142 O O   . LYS A 1 18 ? 7.246   -2.408 0.363  1.00 2.00  ? 18 LYS A O   1 
ATOM 143 C CB  . LYS A 1 18 ? 4.418   -3.226 0.767  1.00 7.06  ? 18 LYS A CB  1 
ATOM 144 C CG  . LYS A 1 18 ? 4.203   -4.443 1.704  1.00 9.17  ? 18 LYS A CG  1 
ATOM 145 C CD  . LYS A 1 18 ? 5.191   -5.648 1.502  1.00 9.42  ? 18 LYS A CD  1 
ATOM 146 C CE  . LYS A 1 18 ? 6.595   -5.498 2.165  1.00 10.68 ? 18 LYS A CE  1 
ATOM 147 N NZ  . LYS A 1 18 ? 7.622   -4.541 1.586  1.00 8.72  ? 18 LYS A NZ  1 
ATOM 148 N N   . ALA A 1 19 ? 6.247   -0.405 0.041  1.00 4.88  ? 19 ALA A N   1 
ATOM 149 C CA  . ALA A 1 19 ? 7.318   0.198  -0.753 1.00 5.64  ? 19 ALA A CA  1 
ATOM 150 C C   . ALA A 1 19 ? 8.380   0.812  0.161  1.00 5.61  ? 19 ALA A C   1 
ATOM 151 O O   . ALA A 1 19 ? 9.588   0.686  -0.098 1.00 5.41  ? 19 ALA A O   1 
ATOM 152 C CB  . ALA A 1 19 ? 6.753   1.262  -1.640 1.00 8.91  ? 19 ALA A CB  1 
ATOM 153 N N   . GLN A 1 20 ? 7.912   1.545  1.177  1.00 4.86  ? 20 GLN A N   1 
ATOM 154 C CA  . GLN A 1 20 ? 8.783   2.170  2.175  1.00 3.69  ? 20 GLN A CA  1 
ATOM 155 C C   . GLN A 1 20 ? 9.622   1.111  2.881  1.00 4.71  ? 20 GLN A C   1 
ATOM 156 O O   . GLN A 1 20 ? 10.733  1.410  3.360  1.00 5.69  ? 20 GLN A O   1 
ATOM 157 C CB  . GLN A 1 20 ? 7.972   2.983  3.175  1.00 2.51  ? 20 GLN A CB  1 
ATOM 158 C CG  . GLN A 1 20 ? 8.146   4.488  3.046  1.00 3.60  ? 20 GLN A CG  1 
ATOM 159 C CD  . GLN A 1 20 ? 7.909   5.036  1.637  1.00 6.89  ? 20 GLN A CD  1 
ATOM 160 O OE1 . GLN A 1 20 ? 8.070   4.338  0.630  1.00 6.25  ? 20 GLN A OE1 1 
ATOM 161 N NE2 . GLN A 1 20 ? 7.544   6.316  1.564  1.00 9.25  ? 20 GLN A NE2 1 
ATOM 162 N N   . GLU A 1 21 ? 9.081   -0.111 2.936  1.00 4.72  ? 21 GLU A N   1 
ATOM 163 C CA  . GLU A 1 21 ? 9.736   -1.280 3.508  1.00 4.36  ? 21 GLU A CA  1 
ATOM 164 C C   . GLU A 1 21 ? 10.855  -1.710 2.595  1.00 3.83  ? 21 GLU A C   1 
ATOM 165 O O   . GLU A 1 21 ? 11.908  -1.985 3.096  1.00 5.61  ? 21 GLU A O   1 
ATOM 166 C CB  . GLU A 1 21 ? 8.778   -2.459 3.660  1.00 7.70  ? 21 GLU A CB  1 
ATOM 167 C CG  . GLU A 1 21 ? 8.109   -2.730 5.041  1.00 7.79  ? 21 GLU A CG  1 
ATOM 168 C CD  . GLU A 1 21 ? 7.447   -4.142 5.067  1.00 9.55  ? 21 GLU A CD  1 
ATOM 169 O OE1 . GLU A 1 21 ? 8.091   -5.119 4.605  1.00 7.32  ? 21 GLU A OE1 1 
ATOM 170 O OE2 . GLU A 1 21 ? 6.264   -4.281 5.486  1.00 9.86  ? 21 GLU A OE2 1 
ATOM 171 N N   . PHE A 1 22 ? 10.674  -1.752 1.267  1.00 5.54  ? 22 PHE A N   1 
ATOM 172 C CA  . PHE A 1 22 ? 11.802  -2.161 0.374  1.00 8.00  ? 22 PHE A CA  1 
ATOM 173 C C   . PHE A 1 22 ? 13.079  -1.308 0.485  1.00 8.36  ? 22 PHE A C   1 
ATOM 174 O O   . PHE A 1 22 ? 14.146  -1.713 0.047  1.00 7.49  ? 22 PHE A O   1 
ATOM 175 C CB  . PHE A 1 22 ? 11.426  -2.308 -1.106 1.00 8.05  ? 22 PHE A CB  1 
ATOM 176 C CG  . PHE A 1 22 ? 12.508  -2.987 -1.930 1.00 12.27 ? 22 PHE A CG  1 
ATOM 177 C CD1 . PHE A 1 22 ? 13.172  -4.125 -1.436 1.00 13.85 ? 22 PHE A CD1 1 
ATOM 178 C CD2 . PHE A 1 22 ? 12.975  -2.430 -3.135 1.00 16.16 ? 22 PHE A CD2 1 
ATOM 179 C CE1 . PHE A 1 22 ? 14.295  -4.695 -2.116 1.00 12.67 ? 22 PHE A CE1 1 
ATOM 180 C CE2 . PHE A 1 22 ? 14.113  -3.005 -3.838 1.00 15.36 ? 22 PHE A CE2 1 
ATOM 181 C CZ  . PHE A 1 22 ? 14.764  -4.132 -3.310 1.00 13.38 ? 22 PHE A CZ  1 
ATOM 182 N N   . VAL A 1 23 ? 12.927  -0.115 1.055  1.00 10.23 ? 23 VAL A N   1 
ATOM 183 C CA  . VAL A 1 23 ? 13.991  0.866  1.321  1.00 8.71  ? 23 VAL A CA  1 
ATOM 184 C C   . VAL A 1 23 ? 14.196  0.852  2.846  1.00 7.01  ? 23 VAL A C   1 
ATOM 185 O O   . VAL A 1 23 ? 15.293  1.140  3.340  1.00 5.27  ? 23 VAL A O   1 
ATOM 186 C CB  . VAL A 1 23 ? 13.636  2.343  0.764  1.00 8.61  ? 23 VAL A CB  1 
ATOM 187 C CG1 . VAL A 1 23 ? 14.211  2.540  -0.626 1.00 4.55  ? 23 VAL A CG1 1 
ATOM 188 C CG2 . VAL A 1 23 ? 12.122  2.556  0.687  1.00 8.00  ? 23 VAL A CG2 1 
ATOM 189 N N   . GLN A 1 24 ? 13.125  0.567  3.594  1.00 6.84  ? 24 GLN A N   1 
ATOM 190 C CA  . GLN A 1 24 ? 13.251  0.412  5.058  1.00 8.06  ? 24 GLN A CA  1 
ATOM 191 C C   . GLN A 1 24 ? 14.314  -0.686 5.018  1.00 7.75  ? 24 GLN A C   1 
ATOM 192 O O   . GLN A 1 24 ? 15.256  -0.747 5.821  1.00 7.47  ? 24 GLN A O   1 
ATOM 193 C CB  . GLN A 1 24 ? 11.936  -0.134 5.723  1.00 5.57  ? 24 GLN A CB  1 
ATOM 194 C CG  . GLN A 1 24 ? 11.990  -0.625 7.231  1.00 2.75  ? 24 GLN A CG  1 
ATOM 195 C CD  . GLN A 1 24 ? 12.407  -2.128 7.459  1.00 4.02  ? 24 GLN A CD  1 
ATOM 196 O OE1 . GLN A 1 24 ? 13.369  -2.427 8.185  1.00 2.12  ? 24 GLN A OE1 1 
ATOM 197 N NE2 . GLN A 1 24 ? 11.647  -3.064 6.880  1.00 2.00  ? 24 GLN A NE2 1 
ATOM 198 N N   . TRP A 1 25 ? 14.186  -1.494 3.985  1.00 6.47  ? 25 TRP A N   1 
ATOM 199 C CA  . TRP A 1 25 ? 15.098  -2.543 3.820  1.00 9.38  ? 25 TRP A CA  1 
ATOM 200 C C   . TRP A 1 25 ? 16.345  -2.120 2.969  1.00 10.91 ? 25 TRP A C   1 
ATOM 201 O O   . TRP A 1 25 ? 17.481  -2.323 3.413  1.00 8.90  ? 25 TRP A O   1 
ATOM 202 C CB  . TRP A 1 25 ? 14.344  -3.773 3.329  1.00 8.76  ? 25 TRP A CB  1 
ATOM 203 C CG  . TRP A 1 25 ? 15.276  -4.865 3.170  1.00 10.86 ? 25 TRP A CG  1 
ATOM 204 C CD1 . TRP A 1 25 ? 15.629  -5.786 4.113  1.00 7.99  ? 25 TRP A CD1 1 
ATOM 205 C CD2 . TRP A 1 25 ? 16.108  -5.115 2.008  1.00 9.61  ? 25 TRP A CD2 1 
ATOM 206 N NE1 . TRP A 1 25 ? 16.628  -6.586 3.612  1.00 11.40 ? 25 TRP A NE1 1 
ATOM 207 C CE2 . TRP A 1 25 ? 16.933  -6.206 2.322  1.00 9.77  ? 25 TRP A CE2 1 
ATOM 208 C CE3 . TRP A 1 25 ? 16.234  -4.512 0.739  1.00 5.79  ? 25 TRP A CE3 1 
ATOM 209 C CZ2 . TRP A 1 25 ? 17.878  -6.726 1.397  1.00 6.74  ? 25 TRP A CZ2 1 
ATOM 210 C CZ3 . TRP A 1 25 ? 17.176  -5.030 -0.153 1.00 4.76  ? 25 TRP A CZ3 1 
ATOM 211 C CH2 . TRP A 1 25 ? 17.980  -6.119 0.182  1.00 2.00  ? 25 TRP A CH2 1 
ATOM 212 N N   . LEU A 1 26 ? 16.141  -1.573 1.759  1.00 12.44 ? 26 LEU A N   1 
ATOM 213 C CA  . LEU A 1 26 ? 17.252  -1.111 0.912  1.00 12.56 ? 26 LEU A CA  1 
ATOM 214 C C   . LEU A 1 26 ? 17.856  0.105  1.586  1.00 12.76 ? 26 LEU A C   1 
ATOM 215 O O   . LEU A 1 26 ? 18.015  1.145  0.935  1.00 10.60 ? 26 LEU A O   1 
ATOM 216 C CB  . LEU A 1 26 ? 16.788  -0.602 -0.459 1.00 16.34 ? 26 LEU A CB  1 
ATOM 217 C CG  . LEU A 1 26 ? 16.296  -1.348 -1.710 1.00 20.94 ? 26 LEU A CG  1 
ATOM 218 C CD1 . LEU A 1 26 ? 15.704  -0.279 -2.749 1.00 18.83 ? 26 LEU A CD1 1 
ATOM 219 C CD2 . LEU A 1 26 ? 17.409  -2.243 -2.348 1.00 18.00 ? 26 LEU A CD2 1 
ATOM 220 N N   . MET A 1 27 ? 18.193  -0.026 2.867  1.00 12.32 ? 27 MET A N   1 
ATOM 221 C CA  . MET A 1 27 ? 18.773  1.076  3.606  1.00 14.42 ? 27 MET A CA  1 
ATOM 222 C C   . MET A 1 27 ? 18.864  0.892  5.172  1.00 15.46 ? 27 MET A C   1 
ATOM 223 O O   . MET A 1 27 ? 19.849  0.374  5.730  1.00 13.02 ? 27 MET A O   1 
ATOM 224 C CB  . MET A 1 27 ? 17.977  2.375  3.255  1.00 11.22 ? 27 MET A CB  1 
ATOM 225 C CG  . MET A 1 27 ? 18.719  3.681  3.423  1.00 8.46  ? 27 MET A CG  1 
ATOM 226 S SD  . MET A 1 27 ? 17.609  5.003  3.133  1.00 2.84  ? 27 MET A SD  1 
ATOM 227 C CE  . MET A 1 27 ? 16.379  4.624  4.225  1.00 8.21  ? 27 MET A CE  1 
ATOM 228 N N   . ASN A 1 28 ? 17.764  1.259  5.828  1.00 16.73 ? 28 ASN A N   1 
ATOM 229 C CA  . ASN A 1 28 ? 17.639  1.271  7.264  1.00 15.77 ? 28 ASN A CA  1 
ATOM 230 C C   . ASN A 1 28 ? 18.868  1.636  8.041  1.00 15.59 ? 28 ASN A C   1 
ATOM 231 O O   . ASN A 1 28 ? 19.597  0.758  8.543  1.00 15.26 ? 28 ASN A O   1 
ATOM 232 C CB  . ASN A 1 28 ? 16.936  0.073  7.902  1.00 14.62 ? 28 ASN A CB  1 
ATOM 233 C CG  . ASN A 1 28 ? 16.101  0.515  9.111  1.00 15.50 ? 28 ASN A CG  1 
ATOM 234 O OD1 . ASN A 1 28 ? 15.102  1.252  8.968  1.00 16.03 ? 28 ASN A OD1 1 
ATOM 235 N ND2 . ASN A 1 28 ? 16.550  0.153  10.304 1.00 15.20 ? 28 ASN A ND2 1 
ATOM 236 N N   . THR A 1 29 ? 19.037  2.970  8.088  1.00 14.63 ? 29 THR A N   1 
ATOM 237 C CA  . THR A 1 29 ? 20.044  3.709  8.823  1.00 9.31  ? 29 THR A CA  1 
ATOM 238 C C   . THR A 1 29 ? 21.410  3.204  8.572  1.00 9.21  ? 29 THR A C   1 
ATOM 239 O O   . THR A 1 29 ? 21.569  2.920  7.385  1.00 11.16 ? 29 THR A O   1 
ATOM 240 C CB  . THR A 1 29 ? 19.694  3.709  10.350 1.00 10.03 ? 29 THR A CB  1 
ATOM 241 O OG1 . THR A 1 29 ? 19.713  2.366  10.875 1.00 5.75  ? 29 THR A OG1 1 
ATOM 242 C CG2 . THR A 1 29 ? 18.276  4.353  10.575 1.00 4.59  ? 29 THR A CG2 1 
# 
